data_3SC3
#
_entry.id   3SC3
#
_cell.length_a   162.440
_cell.length_b   162.440
_cell.length_c   162.440
_cell.angle_alpha   90.000
_cell.angle_beta   90.000
_cell.angle_gamma   90.000
#
_symmetry.space_group_name_H-M   'I 2 3'
#
loop_
_entity.id
_entity.type
_entity.pdbx_description
1 polymer 'Putative DNA replication regulator Hda'
2 non-polymer 'SULFATE ION'
#
_entity_poly.entity_id   1
_entity_poly.type   'polypeptide(L)'
_entity_poly.pdbx_seq_one_letter_code
;GVHLPDDETFTSYYPAAGNDELIGALKSAASGDGVQAIYLWGPVKSGRTHLIHAACARANELERRSFYIPLGIHASISTA
LLEGLEQFDLICIDDVDAVAGHPLWEEAIFDLYNRVAEQKRGSLIVSASASP(MSE)EAGFVLPDLVSR(MSE)HWGLTY
QLQP(MSE)(MSE)DDEKLAALQRRAA(MSE)RGLQLPEDVGRFLLNR(MSE)ARDLRTLFDVLDRLDKAS(MSE)VHQR
KLTIPFVKE(MSE)LRL
;
_entity_poly.pdbx_strand_id   A,B
#
loop_
_chem_comp.id
_chem_comp.type
_chem_comp.name
_chem_comp.formula
SO4 non-polymer 'SULFATE ION' 'O4 S -2'
#
# COMPACT_ATOMS: atom_id res chain seq x y z
N TYR A 14 6.44 -1.81 -2.67
CA TYR A 14 6.99 -2.93 -1.92
C TYR A 14 8.48 -2.72 -1.66
N PRO A 15 8.81 -2.16 -0.50
CA PRO A 15 10.21 -1.90 -0.14
C PRO A 15 11.02 -3.20 -0.07
N ALA A 16 11.99 -3.35 -0.97
CA ALA A 16 12.89 -4.49 -0.94
C ALA A 16 13.67 -4.49 0.37
N ALA A 17 13.65 -3.36 1.07
CA ALA A 17 14.37 -3.19 2.33
C ALA A 17 14.00 -4.30 3.31
N GLY A 18 12.78 -4.82 3.20
CA GLY A 18 12.33 -5.88 4.08
C GLY A 18 13.31 -7.03 4.11
N ASN A 19 14.03 -7.14 5.23
CA ASN A 19 15.00 -8.22 5.45
C ASN A 19 14.87 -8.75 6.87
N ASP A 20 14.69 -10.07 7.00
CA ASP A 20 14.37 -10.70 8.28
C ASP A 20 15.21 -10.16 9.46
N GLU A 21 16.39 -9.64 9.17
CA GLU A 21 17.22 -9.06 10.21
C GLU A 21 16.76 -7.65 10.58
N LEU A 22 16.60 -6.79 9.58
CA LEU A 22 16.13 -5.43 9.82
C LEU A 22 14.70 -5.42 10.36
N ILE A 23 13.87 -6.33 9.84
CA ILE A 23 12.48 -6.44 10.25
C ILE A 23 12.37 -7.07 11.64
N GLY A 24 13.30 -7.98 11.95
CA GLY A 24 13.32 -8.62 13.25
C GLY A 24 13.75 -7.66 14.33
N ALA A 25 14.65 -6.75 13.98
CA ALA A 25 15.15 -5.75 14.91
C ALA A 25 14.07 -4.72 15.23
N LEU A 26 13.20 -4.47 14.25
CA LEU A 26 12.10 -3.53 14.43
C LEU A 26 10.98 -4.14 15.26
N LYS A 27 10.65 -5.40 14.99
CA LYS A 27 9.61 -6.09 15.74
C LYS A 27 9.99 -6.13 17.22
N SER A 28 11.29 -6.22 17.50
CA SER A 28 11.78 -6.32 18.87
C SER A 28 11.75 -4.96 19.56
N ALA A 29 12.00 -3.90 18.80
CA ALA A 29 12.00 -2.55 19.34
C ALA A 29 10.58 -2.15 19.76
N ALA A 30 9.60 -2.57 18.97
CA ALA A 30 8.21 -2.21 19.22
C ALA A 30 7.62 -3.05 20.35
N SER A 31 8.10 -4.28 20.48
CA SER A 31 7.62 -5.19 21.52
C SER A 31 8.28 -4.90 22.87
N GLY A 32 9.30 -4.06 22.85
CA GLY A 32 10.09 -3.79 24.04
C GLY A 32 10.92 -5.00 24.41
N ASP A 33 11.09 -5.89 23.45
CA ASP A 33 11.76 -7.17 23.65
C ASP A 33 13.19 -6.99 24.16
N GLY A 34 13.76 -5.81 23.94
CA GLY A 34 15.09 -5.53 24.42
C GLY A 34 15.94 -4.64 23.52
N VAL A 35 15.54 -4.50 22.26
CA VAL A 35 16.22 -3.59 21.36
C VAL A 35 16.13 -2.21 22.01
N GLN A 36 17.20 -1.42 21.90
CA GLN A 36 17.26 -0.14 22.57
C GLN A 36 17.41 1.05 21.62
N ALA A 37 18.11 0.84 20.51
CA ALA A 37 18.34 1.92 19.55
C ALA A 37 18.62 1.40 18.14
N ILE A 38 17.81 1.83 17.18
CA ILE A 38 18.01 1.48 15.78
C ILE A 38 18.28 2.75 14.97
N TYR A 39 19.04 2.61 13.89
CA TYR A 39 19.38 3.74 13.04
C TYR A 39 19.27 3.34 11.57
N LEU A 40 18.17 3.73 10.92
CA LEU A 40 17.97 3.46 9.51
C LEU A 40 18.56 4.57 8.66
N TRP A 41 19.05 4.24 7.48
CA TRP A 41 19.52 5.25 6.54
C TRP A 41 19.53 4.71 5.12
N GLY A 42 18.95 5.50 4.21
CA GLY A 42 18.88 5.12 2.81
C GLY A 42 18.33 6.26 1.97
N PRO A 43 18.29 6.05 0.66
CA PRO A 43 17.79 7.03 -0.32
C PRO A 43 16.33 7.38 -0.07
N VAL A 44 15.79 8.29 -0.87
CA VAL A 44 14.38 8.67 -0.75
C VAL A 44 13.48 7.53 -1.20
N LYS A 45 12.39 7.34 -0.46
CA LYS A 45 11.43 6.28 -0.76
C LYS A 45 12.06 4.89 -0.69
N SER A 46 12.96 4.69 0.28
CA SER A 46 13.55 3.38 0.51
C SER A 46 12.76 2.61 1.55
N GLY A 47 11.71 3.23 2.07
CA GLY A 47 10.86 2.61 3.08
C GLY A 47 11.22 3.04 4.49
N ARG A 48 12.04 4.07 4.61
CA ARG A 48 12.45 4.57 5.92
C ARG A 48 11.25 4.94 6.79
N THR A 49 10.39 5.82 6.26
CA THR A 49 9.23 6.30 6.99
C THR A 49 8.19 5.20 7.18
N HIS A 50 8.11 4.29 6.22
CA HIS A 50 7.13 3.20 6.29
C HIS A 50 7.46 2.25 7.43
N LEU A 51 8.75 1.96 7.62
CA LEU A 51 9.19 1.04 8.65
C LEU A 51 8.95 1.64 10.03
N ILE A 52 8.96 2.96 10.11
CA ILE A 52 8.72 3.66 11.37
C ILE A 52 7.24 3.60 11.73
N HIS A 53 6.38 3.84 10.75
CA HIS A 53 4.94 3.77 10.98
C HIS A 53 4.53 2.35 11.35
N ALA A 54 5.26 1.38 10.81
CA ALA A 54 4.96 -0.03 11.04
C ALA A 54 5.41 -0.45 12.43
N ALA A 55 6.47 0.19 12.92
CA ALA A 55 6.98 -0.10 14.25
C ALA A 55 6.08 0.52 15.30
N CYS A 56 5.57 1.72 15.02
CA CYS A 56 4.65 2.40 15.92
C CYS A 56 3.29 1.71 15.89
N ALA A 57 3.01 1.03 14.79
CA ALA A 57 1.74 0.32 14.63
C ALA A 57 1.79 -0.98 15.42
N ARG A 58 2.95 -1.63 15.41
CA ARG A 58 3.16 -2.86 16.19
C ARG A 58 3.20 -2.53 17.67
N ALA A 59 3.79 -1.38 17.99
CA ALA A 59 3.87 -0.93 19.38
C ALA A 59 2.45 -0.74 19.91
N ASN A 60 1.70 0.14 19.27
CA ASN A 60 0.33 0.42 19.67
C ASN A 60 -0.55 -0.81 19.64
N GLU A 61 -0.23 -1.74 18.76
CA GLU A 61 -1.00 -2.98 18.66
C GLU A 61 -0.79 -3.81 19.91
N LEU A 62 0.40 -3.71 20.48
CA LEU A 62 0.72 -4.38 21.74
C LEU A 62 0.48 -3.42 22.90
N GLU A 63 -0.42 -2.46 22.69
CA GLU A 63 -0.75 -1.45 23.70
C GLU A 63 0.50 -0.86 24.35
N ARG A 64 1.37 -0.29 23.52
CA ARG A 64 2.55 0.41 23.99
C ARG A 64 2.61 1.79 23.32
N ARG A 65 3.12 2.77 24.05
CA ARG A 65 3.04 4.16 23.62
C ARG A 65 4.18 4.57 22.68
N SER A 66 3.84 5.01 21.49
CA SER A 66 4.83 5.45 20.50
C SER A 66 4.60 6.91 20.12
N PHE A 67 5.69 7.64 19.93
CA PHE A 67 5.65 9.06 19.60
C PHE A 67 6.61 9.34 18.45
N TYR A 68 6.13 10.09 17.45
CA TYR A 68 6.87 10.30 16.21
C TYR A 68 7.22 11.77 15.97
N ILE A 69 8.45 12.02 15.51
CA ILE A 69 8.91 13.38 15.21
C ILE A 69 9.48 13.46 13.80
N PRO A 70 8.88 14.30 12.95
CA PRO A 70 9.51 14.59 11.65
C PRO A 70 10.52 15.72 11.82
N LEU A 71 11.77 15.39 12.10
CA LEU A 71 12.76 16.40 12.46
C LEU A 71 13.11 17.33 11.29
N GLY A 72 12.50 17.11 10.13
CA GLY A 72 12.70 17.98 8.99
C GLY A 72 11.98 19.32 9.16
N ILE A 73 11.27 19.46 10.28
CA ILE A 73 10.57 20.70 10.59
C ILE A 73 11.17 21.36 11.82
N HIS A 74 12.43 21.06 12.09
CA HIS A 74 13.08 21.51 13.32
C HIS A 74 13.26 23.03 13.38
N ALA A 75 13.10 23.69 12.24
CA ALA A 75 13.23 25.14 12.19
C ALA A 75 12.00 25.83 12.81
N SER A 76 10.94 25.05 13.01
CA SER A 76 9.66 25.59 13.49
C SER A 76 9.33 25.10 14.89
N ILE A 77 10.10 24.15 15.40
CA ILE A 77 9.88 23.62 16.75
C ILE A 77 11.08 23.85 17.67
N SER A 78 10.89 23.60 18.95
CA SER A 78 11.94 23.82 19.94
C SER A 78 12.50 22.50 20.43
N THR A 79 13.72 22.53 20.97
CA THR A 79 14.37 21.33 21.48
C THR A 79 13.72 20.89 22.80
N ALA A 80 12.83 21.71 23.33
CA ALA A 80 12.11 21.39 24.56
C ALA A 80 10.97 20.43 24.27
N LEU A 81 10.78 20.11 22.99
CA LEU A 81 9.76 19.15 22.60
C LEU A 81 10.30 17.73 22.76
N LEU A 82 11.60 17.61 22.99
CA LEU A 82 12.25 16.31 23.19
C LEU A 82 12.14 15.85 24.63
N GLU A 83 12.17 16.79 25.57
CA GLU A 83 12.14 16.45 26.99
C GLU A 83 10.79 15.87 27.40
N GLY A 84 10.82 14.74 28.09
CA GLY A 84 9.61 14.08 28.54
C GLY A 84 9.26 12.88 27.69
N LEU A 85 9.91 12.77 26.53
CA LEU A 85 9.62 11.71 25.57
C LEU A 85 10.07 10.33 26.05
N GLU A 86 10.79 10.30 27.16
CA GLU A 86 11.34 9.03 27.65
C GLU A 86 10.22 8.12 28.16
N GLN A 87 9.11 8.71 28.57
CA GLN A 87 7.98 7.93 29.06
C GLN A 87 7.50 6.97 28.00
N PHE A 88 7.49 7.42 26.75
CA PHE A 88 7.09 6.60 25.62
C PHE A 88 7.97 5.37 25.50
N ASP A 89 7.36 4.22 25.23
CA ASP A 89 8.09 2.97 25.07
C ASP A 89 8.80 2.93 23.73
N LEU A 90 8.33 3.76 22.79
CA LEU A 90 8.94 3.83 21.47
C LEU A 90 8.99 5.28 21.00
N ILE A 91 10.19 5.75 20.69
CA ILE A 91 10.37 7.10 20.20
C ILE A 91 11.04 7.06 18.83
N CYS A 92 10.37 7.61 17.82
CA CYS A 92 10.89 7.58 16.46
C CYS A 92 11.18 8.99 15.94
N ILE A 93 12.35 9.16 15.35
CA ILE A 93 12.76 10.45 14.81
C ILE A 93 13.13 10.31 13.34
N ASP A 94 12.23 10.75 12.47
CA ASP A 94 12.44 10.72 11.03
C ASP A 94 13.41 11.83 10.64
N ASP A 95 14.46 11.46 9.91
CA ASP A 95 15.46 12.44 9.48
C ASP A 95 16.15 13.09 10.66
N VAL A 96 16.78 12.27 11.49
CA VAL A 96 17.53 12.78 12.63
C VAL A 96 18.73 13.58 12.14
N ASP A 97 19.19 13.27 10.93
CA ASP A 97 20.35 13.94 10.35
C ASP A 97 19.99 15.29 9.73
N ALA A 98 18.77 15.74 9.97
CA ALA A 98 18.32 17.02 9.44
C ALA A 98 18.84 18.17 10.31
N VAL A 99 19.29 17.84 11.52
CA VAL A 99 19.86 18.82 12.42
C VAL A 99 21.37 18.65 12.51
N ALA A 100 21.92 17.78 11.66
CA ALA A 100 23.35 17.53 11.64
C ALA A 100 24.13 18.82 11.42
N GLY A 101 24.95 19.19 12.39
CA GLY A 101 25.75 20.39 12.31
C GLY A 101 25.28 21.46 13.27
N HIS A 102 24.14 21.21 13.92
CA HIS A 102 23.54 22.17 14.83
C HIS A 102 23.82 21.76 16.27
N PRO A 103 24.79 22.43 16.93
CA PRO A 103 25.22 22.09 18.29
C PRO A 103 24.07 21.88 19.28
N LEU A 104 23.11 22.81 19.33
CA LEU A 104 22.01 22.71 20.28
C LEU A 104 21.16 21.46 20.05
N TRP A 105 20.73 21.27 18.81
CA TRP A 105 19.88 20.12 18.47
C TRP A 105 20.60 18.80 18.70
N GLU A 106 21.86 18.73 18.29
CA GLU A 106 22.67 17.53 18.48
C GLU A 106 22.80 17.20 19.95
N GLU A 107 22.82 18.23 20.80
CA GLU A 107 22.92 18.02 22.24
C GLU A 107 21.58 17.55 22.79
N ALA A 108 20.50 18.12 22.26
CA ALA A 108 19.16 17.77 22.71
C ALA A 108 18.85 16.32 22.35
N ILE A 109 19.40 15.87 21.23
CA ILE A 109 19.19 14.50 20.75
C ILE A 109 20.07 13.52 21.52
N PHE A 110 21.36 13.82 21.56
CA PHE A 110 22.32 12.99 22.29
C PHE A 110 21.86 12.81 23.72
N ASP A 111 21.28 13.87 24.29
CA ASP A 111 20.79 13.82 25.65
C ASP A 111 19.59 12.88 25.74
N LEU A 112 18.73 12.92 24.72
CA LEU A 112 17.56 12.05 24.66
C LEU A 112 17.97 10.58 24.61
N TYR A 113 18.98 10.27 23.81
CA TYR A 113 19.49 8.91 23.70
C TYR A 113 19.75 8.32 25.08
N ASN A 114 20.31 9.15 25.97
CA ASN A 114 20.65 8.69 27.31
C ASN A 114 19.43 8.58 28.21
N ARG A 115 18.52 9.53 28.12
CA ARG A 115 17.31 9.51 28.92
C ARG A 115 16.40 8.34 28.53
N VAL A 116 16.63 7.79 27.34
CA VAL A 116 15.83 6.67 26.85
C VAL A 116 16.31 5.36 27.46
N ALA A 117 17.57 5.02 27.24
CA ALA A 117 18.15 3.80 27.81
C ALA A 117 18.23 3.90 29.33
N GLU A 118 18.08 5.12 29.84
CA GLU A 118 18.08 5.36 31.28
C GLU A 118 16.88 4.67 31.93
N GLN A 119 15.79 4.57 31.17
CA GLN A 119 14.55 3.97 31.65
C GLN A 119 14.62 2.45 31.66
N LYS A 120 15.40 1.89 30.74
CA LYS A 120 15.38 0.46 30.49
C LYS A 120 13.98 0.03 30.05
N ARG A 121 13.14 1.01 29.76
CA ARG A 121 11.77 0.77 29.32
C ARG A 121 11.53 1.43 27.98
N GLY A 122 11.91 0.77 26.90
CA GLY A 122 11.66 1.28 25.56
C GLY A 122 12.92 1.52 24.76
N SER A 123 12.74 1.82 23.47
CA SER A 123 13.86 2.03 22.57
C SER A 123 13.66 3.30 21.72
N LEU A 124 14.60 3.53 20.81
CA LEU A 124 14.65 4.76 20.05
C LEU A 124 15.06 4.48 18.61
N ILE A 125 14.14 4.67 17.67
CA ILE A 125 14.41 4.46 16.26
C ILE A 125 14.54 5.78 15.50
N VAL A 126 15.67 5.97 14.82
CA VAL A 126 15.88 7.17 14.02
C VAL A 126 16.18 6.77 12.59
N SER A 127 15.89 7.65 11.64
CA SER A 127 16.20 7.39 10.24
C SER A 127 17.01 8.54 9.66
N ALA A 128 17.60 8.33 8.48
CA ALA A 128 18.45 9.35 7.88
C ALA A 128 18.69 9.08 6.40
N SER A 129 19.22 10.08 5.72
CA SER A 129 19.55 9.95 4.30
C SER A 129 20.98 9.47 4.13
N ALA A 130 21.74 9.47 5.23
CA ALA A 130 23.12 8.97 5.22
C ALA A 130 23.43 8.30 6.55
N SER A 131 24.47 7.47 6.57
CA SER A 131 24.86 6.76 7.78
C SER A 131 25.34 7.76 8.85
N PRO A 132 25.53 7.28 10.08
CA PRO A 132 25.98 8.13 11.19
C PRO A 132 27.29 8.87 10.89
N MSE A 133 28.25 8.16 10.29
CA MSE A 133 29.54 8.75 9.95
C MSE A 133 29.48 9.59 8.68
O MSE A 133 30.41 10.31 8.36
CB MSE A 133 30.57 7.65 9.76
CG MSE A 133 31.23 7.16 11.04
SE MSE A 133 32.48 5.70 10.70
CE MSE A 133 33.28 6.40 9.06
N GLU A 134 28.39 9.45 7.94
CA GLU A 134 28.26 10.06 6.63
C GLU A 134 27.23 11.18 6.63
N ALA A 135 26.64 11.44 7.80
CA ALA A 135 25.55 12.41 7.91
C ALA A 135 26.04 13.84 8.03
N GLY A 136 27.16 14.02 8.72
CA GLY A 136 27.74 15.35 8.90
C GLY A 136 27.55 15.90 10.29
N PHE A 137 27.42 15.01 11.26
CA PHE A 137 27.26 15.41 12.65
C PHE A 137 28.55 16.04 13.18
N VAL A 138 28.40 17.10 13.99
CA VAL A 138 29.53 17.79 14.59
C VAL A 138 29.91 17.14 15.92
N LEU A 139 28.96 17.10 16.83
CA LEU A 139 29.18 16.52 18.16
C LEU A 139 29.60 15.05 18.06
N PRO A 140 30.86 14.73 18.39
CA PRO A 140 31.38 13.36 18.29
C PRO A 140 30.67 12.37 19.22
N ASP A 141 30.25 12.84 20.38
CA ASP A 141 29.56 12.00 21.34
C ASP A 141 28.29 11.40 20.75
N LEU A 142 27.67 12.14 19.83
CA LEU A 142 26.43 11.69 19.20
C LEU A 142 26.69 10.53 18.24
N VAL A 143 27.60 10.74 17.29
CA VAL A 143 27.93 9.73 16.32
C VAL A 143 28.39 8.44 16.99
N SER A 144 28.98 8.57 18.17
CA SER A 144 29.45 7.41 18.93
C SER A 144 28.28 6.67 19.55
N ARG A 145 27.37 7.43 20.16
CA ARG A 145 26.19 6.86 20.82
C ARG A 145 25.29 6.15 19.80
N MSE A 146 25.39 6.56 18.55
CA MSE A 146 24.56 5.99 17.50
C MSE A 146 25.13 4.66 17.01
O MSE A 146 24.40 3.79 16.53
CB MSE A 146 24.43 6.96 16.34
CG MSE A 146 23.54 8.15 16.64
SE MSE A 146 23.52 9.46 15.19
CE MSE A 146 22.06 10.59 15.81
N HIS A 147 26.45 4.51 17.12
CA HIS A 147 27.11 3.27 16.77
C HIS A 147 26.80 2.18 17.80
N TRP A 148 26.57 2.60 19.04
CA TRP A 148 26.27 1.67 20.12
C TRP A 148 24.92 1.02 19.93
N GLY A 149 24.12 1.56 19.00
CA GLY A 149 22.88 0.93 18.61
C GLY A 149 23.10 0.08 17.38
N LEU A 150 22.03 -0.14 16.62
CA LEU A 150 22.14 -0.84 15.34
C LEU A 150 22.08 0.18 14.21
N THR A 151 22.62 -0.20 13.06
CA THR A 151 22.58 0.66 11.89
C THR A 151 22.35 -0.17 10.63
N TYR A 152 21.23 0.08 9.96
CA TYR A 152 20.87 -0.65 8.75
C TYR A 152 20.77 0.30 7.56
N GLN A 153 21.31 -0.12 6.42
CA GLN A 153 21.16 0.64 5.19
C GLN A 153 20.05 0.04 4.34
N LEU A 154 19.02 0.85 4.07
CA LEU A 154 17.92 0.42 3.21
C LEU A 154 18.31 0.64 1.75
N GLN A 155 18.39 -0.47 1.02
CA GLN A 155 18.66 -0.40 -0.42
C GLN A 155 17.34 -0.12 -1.12
N PRO A 156 17.38 0.61 -2.24
CA PRO A 156 16.14 0.83 -2.98
C PRO A 156 15.88 -0.29 -3.96
N MSE A 157 14.70 -0.32 -4.54
CA MSE A 157 14.45 -1.19 -5.68
C MSE A 157 15.55 -0.94 -6.70
O MSE A 157 15.64 0.15 -7.28
CB MSE A 157 13.10 -0.84 -6.32
CG MSE A 157 11.91 -1.53 -5.68
SE MSE A 157 11.52 -3.28 -6.46
CE MSE A 157 12.89 -4.34 -5.57
N MSE A 158 16.41 -1.93 -6.91
CA MSE A 158 17.43 -1.80 -7.93
C MSE A 158 16.74 -1.89 -9.27
O MSE A 158 15.80 -2.66 -9.44
CB MSE A 158 18.49 -2.89 -7.80
CG MSE A 158 19.90 -2.44 -8.16
SE MSE A 158 20.40 -0.79 -7.25
CE MSE A 158 19.80 0.53 -8.56
N ASP A 159 17.18 -1.10 -10.25
CA ASP A 159 16.45 -0.97 -11.51
C ASP A 159 16.62 -2.18 -12.44
N ASP A 160 17.02 -3.32 -11.88
CA ASP A 160 16.97 -4.58 -12.59
C ASP A 160 16.01 -5.52 -11.86
N GLU A 161 15.88 -5.32 -10.56
CA GLU A 161 14.82 -5.95 -9.78
C GLU A 161 13.49 -5.41 -10.27
N LYS A 162 13.52 -4.20 -10.81
CA LYS A 162 12.31 -3.54 -11.31
C LYS A 162 11.80 -4.21 -12.58
N LEU A 163 12.71 -4.75 -13.38
CA LEU A 163 12.30 -5.53 -14.56
C LEU A 163 11.72 -6.86 -14.10
N ALA A 164 12.34 -7.46 -13.10
CA ALA A 164 11.82 -8.69 -12.52
C ALA A 164 10.45 -8.44 -11.90
N ALA A 165 10.14 -7.18 -11.63
CA ALA A 165 8.87 -6.82 -11.02
C ALA A 165 7.81 -6.50 -12.07
N LEU A 166 8.24 -5.90 -13.18
CA LEU A 166 7.33 -5.58 -14.27
C LEU A 166 6.91 -6.85 -15.00
N GLN A 167 7.87 -7.74 -15.21
CA GLN A 167 7.63 -9.03 -15.85
C GLN A 167 6.59 -9.82 -15.05
N ARG A 168 6.66 -9.70 -13.74
CA ARG A 168 5.73 -10.41 -12.86
C ARG A 168 4.30 -9.93 -13.04
N ARG A 169 4.10 -8.61 -12.96
CA ARG A 169 2.75 -8.04 -13.04
C ARG A 169 2.14 -8.27 -14.41
N ALA A 170 2.97 -8.31 -15.44
CA ALA A 170 2.49 -8.58 -16.79
C ALA A 170 1.95 -9.99 -16.88
N ALA A 171 2.76 -10.95 -16.44
CA ALA A 171 2.36 -12.36 -16.47
C ALA A 171 1.12 -12.61 -15.61
N MSE A 172 0.91 -11.73 -14.63
CA MSE A 172 -0.28 -11.81 -13.79
C MSE A 172 -1.52 -11.40 -14.57
O MSE A 172 -2.58 -11.99 -14.43
CB MSE A 172 -0.13 -10.88 -12.58
CG MSE A 172 0.57 -11.52 -11.40
SE MSE A 172 1.02 -10.18 -10.04
CE MSE A 172 -0.68 -9.21 -9.95
N ARG A 173 -1.37 -10.36 -15.40
CA ARG A 173 -2.48 -9.84 -16.18
C ARG A 173 -2.57 -10.53 -17.54
N GLY A 174 -1.81 -11.61 -17.70
CA GLY A 174 -1.83 -12.37 -18.94
C GLY A 174 -1.07 -11.71 -20.08
N LEU A 175 -0.53 -10.52 -19.81
CA LEU A 175 0.19 -9.75 -20.82
C LEU A 175 1.63 -10.23 -20.97
N GLN A 176 2.12 -10.26 -22.21
CA GLN A 176 3.50 -10.61 -22.49
C GLN A 176 4.33 -9.34 -22.63
N LEU A 177 5.40 -9.26 -21.84
CA LEU A 177 6.28 -8.09 -21.86
C LEU A 177 7.70 -8.49 -22.25
N PRO A 178 8.09 -8.16 -23.50
CA PRO A 178 9.45 -8.46 -23.94
C PRO A 178 10.47 -7.80 -23.02
N GLU A 179 11.59 -8.49 -22.76
CA GLU A 179 12.59 -7.97 -21.83
C GLU A 179 13.16 -6.65 -22.33
N ASP A 180 13.22 -6.48 -23.64
CA ASP A 180 13.77 -5.26 -24.24
C ASP A 180 12.80 -4.08 -24.11
N VAL A 181 11.51 -4.37 -24.06
CA VAL A 181 10.51 -3.32 -23.87
C VAL A 181 10.53 -2.85 -22.43
N GLY A 182 10.83 -3.76 -21.50
CA GLY A 182 10.94 -3.41 -20.11
C GLY A 182 12.12 -2.50 -19.87
N ARG A 183 13.20 -2.74 -20.60
CA ARG A 183 14.40 -1.92 -20.51
C ARG A 183 14.15 -0.54 -21.11
N PHE A 184 13.24 -0.49 -22.07
CA PHE A 184 12.90 0.78 -22.73
C PHE A 184 12.03 1.65 -21.84
N LEU A 185 11.31 1.02 -20.91
CA LEU A 185 10.43 1.75 -20.01
C LEU A 185 11.20 2.27 -18.80
N LEU A 186 12.03 1.43 -18.20
CA LEU A 186 12.86 1.87 -17.09
C LEU A 186 13.79 2.98 -17.56
N ASN A 187 14.15 2.92 -18.85
CA ASN A 187 15.15 3.82 -19.41
C ASN A 187 14.59 5.17 -19.85
N ARG A 188 13.52 5.13 -20.64
CA ARG A 188 12.94 6.35 -21.20
C ARG A 188 11.64 6.75 -20.51
N MSE A 189 11.43 6.23 -19.30
CA MSE A 189 10.29 6.63 -18.47
C MSE A 189 10.73 6.66 -17.00
O MSE A 189 11.87 6.31 -16.69
CB MSE A 189 9.12 5.66 -18.64
CG MSE A 189 8.24 5.96 -19.85
SE MSE A 189 6.56 6.82 -19.36
CE MSE A 189 6.01 7.42 -21.13
N ALA A 190 9.84 7.08 -16.12
CA ALA A 190 10.16 7.17 -14.70
C ALA A 190 10.73 5.84 -14.18
N ARG A 191 11.60 5.93 -13.19
CA ARG A 191 12.27 4.74 -12.66
C ARG A 191 11.53 4.13 -11.47
N ASP A 192 10.50 4.82 -10.98
CA ASP A 192 9.78 4.35 -9.80
C ASP A 192 8.62 3.43 -10.19
N LEU A 193 8.33 2.46 -9.32
CA LEU A 193 7.33 1.44 -9.61
C LEU A 193 5.90 1.96 -9.50
N ARG A 194 5.65 2.91 -8.61
CA ARG A 194 4.34 3.52 -8.50
C ARG A 194 3.83 3.88 -9.89
N THR A 195 4.69 4.51 -10.68
CA THR A 195 4.32 5.02 -11.99
C THR A 195 4.39 3.94 -13.06
N LEU A 196 5.43 3.11 -13.00
CA LEU A 196 5.66 2.08 -14.01
C LEU A 196 4.47 1.13 -14.14
N PHE A 197 3.96 0.66 -13.00
CA PHE A 197 2.85 -0.27 -13.01
C PHE A 197 1.58 0.36 -13.59
N ASP A 198 1.42 1.67 -13.39
CA ASP A 198 0.31 2.40 -13.96
C ASP A 198 0.44 2.45 -15.48
N VAL A 199 1.68 2.52 -15.94
CA VAL A 199 1.97 2.50 -17.37
C VAL A 199 1.67 1.12 -17.95
N LEU A 200 2.16 0.09 -17.26
CA LEU A 200 1.93 -1.29 -17.66
C LEU A 200 0.44 -1.55 -17.79
N ASP A 201 -0.35 -0.83 -16.99
CA ASP A 201 -1.80 -0.97 -17.01
C ASP A 201 -2.37 -0.35 -18.28
N ARG A 202 -1.90 0.84 -18.63
CA ARG A 202 -2.39 1.54 -19.81
C ARG A 202 -1.94 0.84 -21.10
N LEU A 203 -0.80 0.16 -21.03
CA LEU A 203 -0.26 -0.53 -22.20
C LEU A 203 -0.91 -1.89 -22.36
N ASP A 204 -1.48 -2.42 -21.28
CA ASP A 204 -2.24 -3.66 -21.35
C ASP A 204 -3.59 -3.40 -21.99
N LYS A 205 -4.27 -2.35 -21.50
CA LYS A 205 -5.53 -1.92 -22.10
C LYS A 205 -5.31 -1.59 -23.57
N ALA A 206 -4.19 -0.90 -23.84
CA ALA A 206 -3.87 -0.48 -25.20
C ALA A 206 -3.68 -1.69 -26.10
N SER A 207 -2.99 -2.70 -25.59
CA SER A 207 -2.73 -3.92 -26.35
C SER A 207 -4.05 -4.63 -26.66
N MSE A 208 -5.02 -4.51 -25.76
CA MSE A 208 -6.29 -5.20 -25.92
C MSE A 208 -7.23 -4.46 -26.87
O MSE A 208 -8.05 -5.09 -27.54
CB MSE A 208 -6.96 -5.39 -24.55
CG MSE A 208 -6.29 -6.43 -23.67
SE MSE A 208 -7.26 -6.79 -22.02
CE MSE A 208 -6.82 -5.16 -21.04
N VAL A 209 -7.11 -3.14 -26.92
CA VAL A 209 -7.99 -2.34 -27.76
C VAL A 209 -7.55 -2.38 -29.21
N HIS A 210 -6.24 -2.42 -29.43
CA HIS A 210 -5.69 -2.49 -30.78
C HIS A 210 -5.31 -3.91 -31.15
N GLN A 211 -5.48 -4.83 -30.21
CA GLN A 211 -5.09 -6.22 -30.42
C GLN A 211 -3.74 -6.29 -31.13
N ARG A 212 -2.75 -5.66 -30.53
CA ARG A 212 -1.42 -5.56 -31.12
C ARG A 212 -0.37 -5.95 -30.08
N LYS A 213 0.48 -6.92 -30.43
CA LYS A 213 1.51 -7.39 -29.51
C LYS A 213 2.33 -6.21 -28.99
N LEU A 214 2.98 -6.40 -27.85
CA LEU A 214 3.71 -5.31 -27.20
C LEU A 214 5.13 -5.20 -27.74
N THR A 215 5.33 -4.25 -28.65
CA THR A 215 6.65 -4.00 -29.23
C THR A 215 7.12 -2.61 -28.84
N ILE A 216 8.40 -2.31 -29.05
CA ILE A 216 8.95 -1.01 -28.70
C ILE A 216 8.30 0.10 -29.51
N PRO A 217 8.13 -0.12 -30.83
CA PRO A 217 7.45 0.86 -31.68
C PRO A 217 6.02 1.15 -31.24
N PHE A 218 5.34 0.12 -30.72
CA PHE A 218 3.96 0.27 -30.27
C PHE A 218 3.89 1.05 -28.96
N VAL A 219 4.93 0.92 -28.14
CA VAL A 219 4.99 1.65 -26.88
C VAL A 219 5.41 3.10 -27.12
N LYS A 220 6.23 3.32 -28.13
CA LYS A 220 6.62 4.68 -28.51
C LYS A 220 5.39 5.43 -28.98
N GLU A 221 4.48 4.72 -29.64
CA GLU A 221 3.26 5.32 -30.15
C GLU A 221 2.28 5.62 -29.02
N MSE A 222 2.07 4.63 -28.15
CA MSE A 222 1.09 4.73 -27.08
C MSE A 222 1.46 5.80 -26.06
O MSE A 222 0.69 6.72 -25.78
CB MSE A 222 0.95 3.40 -26.36
CG MSE A 222 0.28 2.30 -27.17
SE MSE A 222 -1.48 2.80 -27.86
CE MSE A 222 -0.95 3.58 -29.57
N LEU A 223 2.66 5.69 -25.50
CA LEU A 223 3.11 6.60 -24.44
C LEU A 223 3.72 7.89 -25.00
N ARG A 224 3.71 8.03 -26.32
CA ARG A 224 4.26 9.22 -26.95
C ARG A 224 5.72 9.45 -26.57
N LEU A 225 6.58 8.50 -26.94
CA LEU A 225 8.01 8.61 -26.71
C LEU A 225 8.77 8.56 -28.02
N PRO B 15 -8.35 -4.53 1.48
CA PRO B 15 -8.72 -3.50 2.46
C PRO B 15 -9.58 -4.05 3.60
N ALA B 16 -10.71 -3.42 3.88
CA ALA B 16 -11.58 -3.85 4.97
C ALA B 16 -11.99 -5.32 4.87
N ALA B 17 -11.80 -5.91 3.69
CA ALA B 17 -12.22 -7.28 3.44
C ALA B 17 -11.10 -8.29 3.69
N GLY B 18 -10.63 -8.36 4.93
CA GLY B 18 -9.63 -9.34 5.32
C GLY B 18 -10.28 -10.47 6.10
N ASN B 19 -11.43 -10.93 5.64
CA ASN B 19 -12.16 -11.98 6.34
C ASN B 19 -11.66 -13.36 5.90
N ASP B 20 -11.69 -14.31 6.83
CA ASP B 20 -11.07 -15.61 6.62
C ASP B 20 -11.68 -16.38 5.43
N GLU B 21 -12.99 -16.54 5.43
CA GLU B 21 -13.68 -17.28 4.37
C GLU B 21 -13.30 -16.79 2.97
N LEU B 22 -13.43 -15.49 2.72
CA LEU B 22 -13.16 -14.91 1.42
C LEU B 22 -11.73 -15.20 0.94
N ILE B 23 -10.77 -15.01 1.84
CA ILE B 23 -9.36 -15.26 1.53
C ILE B 23 -9.14 -16.71 1.10
N GLY B 24 -9.90 -17.62 1.68
CA GLY B 24 -9.78 -19.03 1.36
C GLY B 24 -10.31 -19.35 -0.03
N ALA B 25 -11.52 -18.85 -0.31
CA ALA B 25 -12.13 -19.05 -1.62
C ALA B 25 -11.22 -18.56 -2.73
N LEU B 26 -10.57 -17.43 -2.48
CA LEU B 26 -9.67 -16.83 -3.47
C LEU B 26 -8.40 -17.64 -3.61
N LYS B 27 -7.82 -18.06 -2.49
CA LYS B 27 -6.56 -18.79 -2.50
C LYS B 27 -6.76 -20.14 -3.21
N SER B 28 -8.00 -20.60 -3.23
CA SER B 28 -8.33 -21.88 -3.84
C SER B 28 -8.54 -21.74 -5.35
N ALA B 29 -9.20 -20.66 -5.76
CA ALA B 29 -9.45 -20.41 -7.17
C ALA B 29 -8.15 -20.12 -7.91
N ALA B 30 -7.24 -19.42 -7.22
CA ALA B 30 -5.96 -19.06 -7.80
C ALA B 30 -5.07 -20.29 -7.94
N SER B 31 -5.41 -21.35 -7.21
CA SER B 31 -4.62 -22.57 -7.21
C SER B 31 -5.30 -23.67 -8.00
N GLY B 32 -6.53 -23.43 -8.43
CA GLY B 32 -7.30 -24.44 -9.14
C GLY B 32 -7.49 -25.70 -8.32
N ASP B 33 -7.57 -25.52 -7.01
CA ASP B 33 -7.73 -26.65 -6.09
C ASP B 33 -8.95 -27.52 -6.45
N GLY B 34 -10.12 -26.90 -6.61
CA GLY B 34 -10.28 -25.46 -6.49
C GLY B 34 -11.70 -25.03 -6.81
N VAL B 35 -12.10 -23.87 -6.28
CA VAL B 35 -13.42 -23.33 -6.56
C VAL B 35 -13.49 -22.81 -7.99
N GLN B 36 -14.61 -23.08 -8.66
CA GLN B 36 -14.79 -22.74 -10.06
C GLN B 36 -14.81 -21.23 -10.30
N ALA B 37 -15.76 -20.55 -9.66
CA ALA B 37 -15.96 -19.13 -9.90
C ALA B 37 -16.28 -18.36 -8.62
N ILE B 38 -15.72 -17.17 -8.50
CA ILE B 38 -16.05 -16.27 -7.41
C ILE B 38 -16.66 -14.99 -7.98
N TYR B 39 -17.44 -14.29 -7.15
CA TYR B 39 -18.12 -13.08 -7.59
C TYR B 39 -18.05 -12.04 -6.48
N LEU B 40 -17.05 -11.16 -6.54
CA LEU B 40 -16.90 -10.08 -5.56
C LEU B 40 -17.76 -8.89 -5.98
N TRP B 41 -18.37 -8.23 -4.99
CA TRP B 41 -19.11 -7.01 -5.27
C TRP B 41 -19.13 -6.07 -4.07
N GLY B 42 -19.03 -4.77 -4.35
CA GLY B 42 -18.98 -3.75 -3.33
C GLY B 42 -18.73 -2.39 -3.93
N PRO B 43 -18.67 -1.35 -3.10
CA PRO B 43 -18.42 0.02 -3.54
C PRO B 43 -16.98 0.20 -4.03
N VAL B 44 -16.58 1.43 -4.32
CA VAL B 44 -15.22 1.70 -4.73
C VAL B 44 -14.30 1.72 -3.51
N LYS B 45 -13.03 1.41 -3.73
CA LYS B 45 -12.06 1.24 -2.65
C LYS B 45 -12.57 0.23 -1.61
N SER B 46 -13.38 -0.71 -2.09
CA SER B 46 -13.89 -1.80 -1.26
C SER B 46 -12.85 -2.91 -1.14
N GLY B 47 -12.05 -3.08 -2.19
CA GLY B 47 -10.99 -4.07 -2.20
C GLY B 47 -11.07 -5.04 -3.37
N ARG B 48 -11.98 -4.76 -4.31
CA ARG B 48 -12.22 -5.66 -5.44
C ARG B 48 -10.98 -5.85 -6.32
N THR B 49 -10.51 -4.77 -6.94
CA THR B 49 -9.38 -4.85 -7.85
C THR B 49 -8.12 -5.37 -7.17
N HIS B 50 -7.90 -4.98 -5.92
CA HIS B 50 -6.72 -5.41 -5.19
C HIS B 50 -6.73 -6.92 -4.97
N LEU B 51 -7.87 -7.45 -4.57
CA LEU B 51 -8.02 -8.89 -4.32
C LEU B 51 -7.84 -9.69 -5.59
N ILE B 52 -8.30 -9.14 -6.71
CA ILE B 52 -8.19 -9.82 -8.00
C ILE B 52 -6.73 -10.00 -8.37
N HIS B 53 -5.92 -8.97 -8.13
CA HIS B 53 -4.50 -9.03 -8.44
C HIS B 53 -3.75 -9.87 -7.40
N ALA B 54 -4.32 -9.97 -6.21
CA ALA B 54 -3.76 -10.81 -5.16
C ALA B 54 -3.87 -12.26 -5.58
N ALA B 55 -4.99 -12.58 -6.24
CA ALA B 55 -5.23 -13.93 -6.74
C ALA B 55 -4.27 -14.24 -7.89
N CYS B 56 -4.22 -13.34 -8.87
CA CYS B 56 -3.32 -13.50 -10.00
C CYS B 56 -1.87 -13.65 -9.53
N ALA B 57 -1.58 -13.13 -8.34
CA ALA B 57 -0.25 -13.23 -7.77
C ALA B 57 0.06 -14.65 -7.32
N ARG B 58 -0.84 -15.22 -6.52
CA ARG B 58 -0.65 -16.59 -6.04
C ARG B 58 -0.71 -17.57 -7.19
N ALA B 59 -1.52 -17.25 -8.19
CA ALA B 59 -1.62 -18.08 -9.39
C ALA B 59 -0.24 -18.14 -10.03
N ASN B 60 0.39 -16.98 -10.12
CA ASN B 60 1.68 -16.85 -10.81
C ASN B 60 2.79 -17.63 -10.13
N GLU B 61 2.78 -17.67 -8.80
CA GLU B 61 3.81 -18.38 -8.06
C GLU B 61 3.55 -19.88 -8.00
N LEU B 62 2.30 -20.27 -8.21
CA LEU B 62 1.96 -21.68 -8.37
C LEU B 62 2.20 -22.10 -9.83
N GLU B 63 2.85 -21.20 -10.57
CA GLU B 63 3.19 -21.43 -11.97
C GLU B 63 1.95 -21.73 -12.82
N ARG B 64 0.85 -21.10 -12.45
CA ARG B 64 -0.39 -21.14 -13.22
C ARG B 64 -0.62 -19.78 -13.87
N ARG B 65 -0.73 -19.76 -15.19
CA ARG B 65 -0.92 -18.51 -15.92
C ARG B 65 -2.29 -17.91 -15.68
N SER B 66 -2.33 -16.59 -15.47
CA SER B 66 -3.60 -15.89 -15.26
C SER B 66 -3.79 -14.79 -16.30
N PHE B 67 -5.01 -14.26 -16.39
CA PHE B 67 -5.34 -13.24 -17.36
C PHE B 67 -6.38 -12.28 -16.81
N TYR B 68 -6.05 -10.99 -16.81
CA TYR B 68 -6.90 -9.97 -16.23
C TYR B 68 -7.59 -9.13 -17.30
N ILE B 69 -8.83 -8.73 -17.04
CA ILE B 69 -9.60 -7.92 -17.98
C ILE B 69 -10.42 -6.85 -17.26
N PRO B 70 -10.08 -5.58 -17.47
CA PRO B 70 -10.89 -4.47 -16.96
C PRO B 70 -12.04 -4.18 -17.93
N LEU B 71 -13.18 -4.84 -17.74
CA LEU B 71 -14.25 -4.76 -18.71
C LEU B 71 -14.97 -3.41 -18.71
N GLY B 72 -14.45 -2.46 -17.94
CA GLY B 72 -14.96 -1.11 -17.99
C GLY B 72 -14.67 -0.49 -19.34
N ILE B 73 -13.71 -1.07 -20.07
CA ILE B 73 -13.30 -0.58 -21.37
C ILE B 73 -13.96 -1.37 -22.49
N HIS B 74 -15.13 -1.92 -22.22
CA HIS B 74 -15.78 -2.84 -23.15
C HIS B 74 -16.06 -2.20 -24.51
N ALA B 75 -16.24 -0.89 -24.54
CA ALA B 75 -16.53 -0.19 -25.79
C ALA B 75 -15.32 -0.19 -26.72
N SER B 76 -14.13 -0.27 -26.13
CA SER B 76 -12.89 -0.22 -26.89
C SER B 76 -12.48 -1.61 -27.38
N ILE B 77 -12.95 -2.65 -26.69
CA ILE B 77 -12.62 -4.03 -27.05
C ILE B 77 -13.83 -4.73 -27.65
N SER B 78 -13.61 -5.92 -28.21
CA SER B 78 -14.68 -6.70 -28.82
C SER B 78 -14.97 -7.93 -27.98
N THR B 79 -16.10 -8.57 -28.23
CA THR B 79 -16.49 -9.78 -27.50
C THR B 79 -15.63 -10.98 -27.91
N ALA B 80 -14.79 -10.79 -28.93
CA ALA B 80 -13.92 -11.84 -29.42
C ALA B 80 -12.68 -12.01 -28.55
N LEU B 81 -12.56 -11.14 -27.54
CA LEU B 81 -11.42 -11.18 -26.62
C LEU B 81 -11.58 -12.29 -25.59
N LEU B 82 -12.78 -12.88 -25.53
CA LEU B 82 -13.07 -13.93 -24.57
C LEU B 82 -12.80 -15.32 -25.16
N GLU B 83 -12.56 -15.38 -26.46
CA GLU B 83 -12.26 -16.64 -27.13
C GLU B 83 -10.79 -17.00 -26.99
N GLY B 84 -10.52 -18.30 -26.88
CA GLY B 84 -9.16 -18.78 -26.67
C GLY B 84 -8.62 -18.33 -25.33
N LEU B 85 -9.49 -17.73 -24.53
CA LEU B 85 -9.10 -17.17 -23.25
C LEU B 85 -9.08 -18.25 -22.17
N GLU B 86 -9.52 -19.44 -22.54
CA GLU B 86 -9.68 -20.53 -21.58
C GLU B 86 -8.37 -21.27 -21.34
N GLN B 87 -7.43 -21.09 -22.26
CA GLN B 87 -6.11 -21.70 -22.10
C GLN B 87 -5.48 -21.29 -20.78
N PHE B 88 -5.88 -20.12 -20.29
CA PHE B 88 -5.41 -19.63 -19.00
C PHE B 88 -6.05 -20.38 -17.83
N ASP B 89 -5.29 -20.56 -16.76
CA ASP B 89 -5.74 -21.30 -15.59
C ASP B 89 -6.67 -20.46 -14.72
N LEU B 90 -6.40 -19.16 -14.65
CA LEU B 90 -7.21 -18.25 -13.87
C LEU B 90 -7.57 -17.02 -14.69
N ILE B 91 -8.86 -16.80 -14.90
CA ILE B 91 -9.33 -15.65 -15.65
C ILE B 91 -10.09 -14.69 -14.74
N CYS B 92 -9.67 -13.43 -14.72
CA CYS B 92 -10.31 -12.43 -13.88
C CYS B 92 -10.93 -11.32 -14.72
N ILE B 93 -12.18 -10.98 -14.41
CA ILE B 93 -12.87 -9.89 -15.09
C ILE B 93 -13.33 -8.85 -14.08
N ASP B 94 -12.68 -7.69 -14.11
CA ASP B 94 -13.00 -6.60 -13.20
C ASP B 94 -14.21 -5.82 -13.71
N ASP B 95 -15.16 -5.53 -12.82
CA ASP B 95 -16.35 -4.78 -13.20
C ASP B 95 -17.08 -5.43 -14.36
N VAL B 96 -17.48 -6.68 -14.18
CA VAL B 96 -18.20 -7.42 -15.21
C VAL B 96 -19.61 -6.87 -15.38
N ASP B 97 -20.11 -6.18 -14.36
CA ASP B 97 -21.45 -5.60 -14.41
C ASP B 97 -21.47 -4.32 -15.25
N ALA B 98 -20.33 -4.01 -15.86
CA ALA B 98 -20.22 -2.82 -16.71
C ALA B 98 -20.95 -3.04 -18.03
N VAL B 99 -21.05 -4.30 -18.44
CA VAL B 99 -21.72 -4.66 -19.68
C VAL B 99 -23.10 -5.26 -19.42
N ALA B 100 -23.59 -5.12 -18.19
CA ALA B 100 -24.91 -5.63 -17.84
C ALA B 100 -25.98 -4.80 -18.55
N GLY B 101 -26.64 -5.42 -19.51
CA GLY B 101 -27.63 -4.73 -20.33
C GLY B 101 -27.37 -5.02 -21.80
N HIS B 102 -26.11 -5.29 -22.12
CA HIS B 102 -25.70 -5.62 -23.48
C HIS B 102 -25.78 -7.13 -23.69
N PRO B 103 -26.87 -7.60 -24.33
CA PRO B 103 -27.08 -9.04 -24.52
C PRO B 103 -25.89 -9.76 -25.15
N LEU B 104 -25.18 -9.10 -26.06
CA LEU B 104 -24.08 -9.75 -26.76
C LEU B 104 -22.88 -10.01 -25.86
N TRP B 105 -22.60 -9.08 -24.95
CA TRP B 105 -21.49 -9.23 -24.01
C TRP B 105 -21.79 -10.31 -22.97
N GLU B 106 -22.99 -10.28 -22.41
CA GLU B 106 -23.40 -11.28 -21.43
C GLU B 106 -23.38 -12.68 -22.05
N GLU B 107 -23.57 -12.74 -23.36
CA GLU B 107 -23.65 -14.01 -24.05
C GLU B 107 -22.26 -14.57 -24.26
N ALA B 108 -21.31 -13.68 -24.52
CA ALA B 108 -19.91 -14.07 -24.68
C ALA B 108 -19.32 -14.45 -23.34
N ILE B 109 -19.81 -13.80 -22.28
CA ILE B 109 -19.35 -14.06 -20.92
C ILE B 109 -19.98 -15.34 -20.38
N PHE B 110 -21.21 -15.61 -20.81
CA PHE B 110 -21.92 -16.82 -20.42
C PHE B 110 -21.21 -18.03 -21.01
N ASP B 111 -20.88 -17.93 -22.29
CA ASP B 111 -20.13 -18.98 -22.97
C ASP B 111 -18.81 -19.22 -22.24
N LEU B 112 -18.11 -18.15 -21.92
CA LEU B 112 -16.81 -18.25 -21.26
C LEU B 112 -16.93 -18.96 -19.91
N TYR B 113 -17.97 -18.63 -19.16
CA TYR B 113 -18.23 -19.27 -17.88
C TYR B 113 -18.32 -20.79 -18.04
N ASN B 114 -18.98 -21.22 -19.12
CA ASN B 114 -19.18 -22.64 -19.37
C ASN B 114 -17.96 -23.33 -19.94
N ARG B 115 -17.08 -22.57 -20.58
CA ARG B 115 -15.88 -23.12 -21.19
C ARG B 115 -14.75 -23.28 -20.17
N VAL B 116 -14.76 -22.44 -19.14
CA VAL B 116 -13.79 -22.55 -18.06
C VAL B 116 -14.13 -23.74 -17.18
N ALA B 117 -15.43 -23.95 -16.98
CA ALA B 117 -15.90 -25.09 -16.21
C ALA B 117 -15.73 -26.37 -17.01
N GLU B 118 -15.82 -26.24 -18.34
CA GLU B 118 -15.70 -27.39 -19.23
C GLU B 118 -14.33 -28.04 -19.08
N GLN B 119 -13.31 -27.20 -18.91
CA GLN B 119 -11.94 -27.69 -18.74
C GLN B 119 -11.59 -27.81 -17.27
N LYS B 120 -10.60 -28.65 -16.97
CA LYS B 120 -10.19 -28.88 -15.59
C LYS B 120 -9.06 -27.92 -15.22
N ARG B 121 -9.00 -27.54 -13.95
CA ARG B 121 -8.03 -26.56 -13.45
C ARG B 121 -8.33 -25.17 -13.98
N GLY B 122 -9.57 -24.94 -14.37
CA GLY B 122 -10.00 -23.63 -14.83
C GLY B 122 -10.82 -22.91 -13.77
N SER B 123 -10.44 -21.68 -13.45
CA SER B 123 -11.17 -20.87 -12.46
C SER B 123 -11.55 -19.53 -13.07
N LEU B 124 -12.40 -18.78 -12.37
CA LEU B 124 -12.96 -17.56 -12.93
C LEU B 124 -13.42 -16.60 -11.85
N ILE B 125 -12.66 -15.53 -11.64
CA ILE B 125 -12.97 -14.54 -10.62
C ILE B 125 -13.41 -13.22 -11.25
N VAL B 126 -14.63 -12.78 -10.95
CA VAL B 126 -15.15 -11.54 -11.49
C VAL B 126 -15.69 -10.65 -10.37
N SER B 127 -15.64 -9.34 -10.55
CA SER B 127 -16.15 -8.39 -9.57
C SER B 127 -17.16 -7.42 -10.18
N ALA B 128 -17.95 -6.77 -9.33
CA ALA B 128 -18.97 -5.85 -9.79
C ALA B 128 -19.36 -4.87 -8.67
N SER B 129 -20.32 -4.01 -8.96
CA SER B 129 -20.76 -3.01 -7.99
C SER B 129 -22.06 -3.40 -7.31
N ALA B 130 -22.57 -4.59 -7.62
CA ALA B 130 -23.80 -5.08 -7.01
C ALA B 130 -23.91 -6.60 -7.13
N SER B 131 -24.74 -7.20 -6.28
CA SER B 131 -24.98 -8.64 -6.35
C SER B 131 -25.42 -9.01 -7.76
N PRO B 132 -25.25 -10.30 -8.15
CA PRO B 132 -25.60 -10.77 -9.49
C PRO B 132 -27.04 -10.45 -9.91
N MSE B 133 -27.94 -10.31 -8.94
CA MSE B 133 -29.35 -10.10 -9.23
C MSE B 133 -29.65 -8.61 -9.42
O MSE B 133 -30.48 -8.24 -10.24
CB MSE B 133 -30.20 -10.65 -8.09
CG MSE B 133 -31.63 -10.97 -8.48
SE MSE B 133 -31.82 -12.81 -9.10
CE MSE B 133 -31.60 -13.73 -7.40
N GLU B 134 -28.96 -7.78 -8.65
CA GLU B 134 -29.21 -6.34 -8.65
C GLU B 134 -28.30 -5.57 -9.61
N ALA B 135 -27.27 -6.23 -10.12
CA ALA B 135 -26.33 -5.60 -11.04
C ALA B 135 -27.01 -5.28 -12.36
N GLY B 136 -28.14 -5.92 -12.60
CA GLY B 136 -28.99 -5.58 -13.73
C GLY B 136 -28.63 -6.27 -15.02
N PHE B 137 -28.32 -7.56 -14.95
CA PHE B 137 -28.08 -8.35 -16.15
C PHE B 137 -29.39 -8.67 -16.85
N VAL B 138 -29.32 -9.00 -18.14
CA VAL B 138 -30.51 -9.19 -18.96
C VAL B 138 -30.77 -10.67 -19.23
N LEU B 139 -29.76 -11.49 -19.03
CA LEU B 139 -29.86 -12.92 -19.31
C LEU B 139 -29.96 -13.72 -18.01
N PRO B 140 -31.19 -14.14 -17.65
CA PRO B 140 -31.37 -15.00 -16.48
C PRO B 140 -30.39 -16.17 -16.48
N ASP B 141 -30.13 -16.74 -17.65
CA ASP B 141 -29.20 -17.84 -17.80
C ASP B 141 -27.82 -17.50 -17.22
N LEU B 142 -27.37 -16.26 -17.46
CA LEU B 142 -26.07 -15.81 -16.99
C LEU B 142 -26.06 -15.62 -15.47
N VAL B 143 -27.07 -14.92 -14.96
CA VAL B 143 -27.17 -14.67 -13.52
C VAL B 143 -27.21 -16.00 -12.76
N SER B 144 -27.81 -17.01 -13.36
CA SER B 144 -27.97 -18.31 -12.72
C SER B 144 -26.68 -19.11 -12.77
N ARG B 145 -25.96 -19.00 -13.88
CA ARG B 145 -24.66 -19.65 -14.00
C ARG B 145 -23.67 -19.01 -13.04
N MSE B 146 -23.99 -17.79 -12.60
CA MSE B 146 -23.16 -17.08 -11.64
C MSE B 146 -23.43 -17.55 -10.22
O MSE B 146 -22.52 -17.62 -9.38
CB MSE B 146 -23.40 -15.57 -11.73
CG MSE B 146 -22.76 -14.92 -12.94
SE MSE B 146 -23.14 -13.01 -13.03
CE MSE B 146 -21.90 -12.51 -14.46
N HIS B 147 -24.69 -17.87 -9.94
CA HIS B 147 -25.08 -18.35 -8.61
C HIS B 147 -24.64 -19.79 -8.38
N TRP B 148 -24.32 -20.49 -9.47
CA TRP B 148 -23.76 -21.83 -9.37
C TRP B 148 -22.43 -21.78 -8.63
N GLY B 149 -21.76 -20.63 -8.68
CA GLY B 149 -20.51 -20.44 -7.99
C GLY B 149 -20.67 -19.62 -6.73
N LEU B 150 -19.57 -19.05 -6.24
CA LEU B 150 -19.58 -18.27 -5.01
C LEU B 150 -19.76 -16.78 -5.26
N THR B 151 -20.34 -16.10 -4.27
CA THR B 151 -20.52 -14.65 -4.32
C THR B 151 -20.24 -14.06 -2.94
N TYR B 152 -19.29 -13.14 -2.88
CA TYR B 152 -18.96 -12.47 -1.61
C TYR B 152 -19.19 -10.97 -1.71
N GLN B 153 -19.65 -10.38 -0.61
CA GLN B 153 -19.83 -8.93 -0.54
C GLN B 153 -18.72 -8.30 0.29
N LEU B 154 -17.90 -7.48 -0.35
CA LEU B 154 -16.82 -6.79 0.34
C LEU B 154 -17.38 -5.64 1.17
N GLN B 155 -16.92 -5.54 2.41
CA GLN B 155 -17.44 -4.54 3.34
C GLN B 155 -16.79 -3.17 3.11
N PRO B 156 -17.62 -2.13 3.00
CA PRO B 156 -17.13 -0.75 2.88
C PRO B 156 -16.92 -0.09 4.23
N MSE B 157 -15.70 0.35 4.52
CA MSE B 157 -15.41 1.04 5.77
C MSE B 157 -16.38 2.19 6.03
O MSE B 157 -16.34 3.21 5.35
CB MSE B 157 -14.00 1.59 5.75
CG MSE B 157 -13.00 0.73 6.51
SE MSE B 157 -11.30 1.65 6.80
CE MSE B 157 -11.98 3.40 7.33
N MSE B 158 -17.23 2.03 7.03
CA MSE B 158 -18.18 3.08 7.41
C MSE B 158 -17.44 4.22 8.13
O MSE B 158 -16.27 4.10 8.46
CB MSE B 158 -19.31 2.53 8.27
CG MSE B 158 -18.88 1.59 9.40
SE MSE B 158 -20.40 0.88 10.40
CE MSE B 158 -19.49 -0.48 11.45
N ASP B 159 -18.15 5.32 8.36
CA ASP B 159 -17.55 6.53 8.90
C ASP B 159 -16.99 6.35 10.30
N ASP B 160 -17.69 5.60 11.14
CA ASP B 160 -17.25 5.41 12.52
C ASP B 160 -15.97 4.58 12.61
N GLU B 161 -15.76 3.72 11.62
CA GLU B 161 -14.53 2.94 11.56
C GLU B 161 -13.37 3.82 11.09
N LYS B 162 -13.71 4.87 10.34
CA LYS B 162 -12.72 5.83 9.87
C LYS B 162 -12.19 6.69 11.02
N LEU B 163 -13.11 7.27 11.79
CA LEU B 163 -12.76 8.09 12.93
C LEU B 163 -11.89 7.31 13.91
N ALA B 164 -12.16 6.01 14.03
CA ALA B 164 -11.43 5.16 14.96
C ALA B 164 -10.04 4.82 14.44
N ALA B 165 -9.91 4.73 13.12
CA ALA B 165 -8.63 4.43 12.50
C ALA B 165 -7.78 5.69 12.40
N LEU B 166 -8.44 6.84 12.34
CA LEU B 166 -7.74 8.12 12.24
C LEU B 166 -7.22 8.49 13.62
N GLN B 167 -7.88 7.98 14.65
CA GLN B 167 -7.46 8.20 16.03
C GLN B 167 -6.35 7.23 16.40
N ARG B 168 -6.45 6.00 15.91
CA ARG B 168 -5.45 5.00 16.22
C ARG B 168 -4.12 5.38 15.60
N ARG B 169 -4.17 5.98 14.43
CA ARG B 169 -2.96 6.44 13.74
C ARG B 169 -2.32 7.60 14.48
N ALA B 170 -3.13 8.58 14.86
CA ALA B 170 -2.65 9.73 15.63
C ALA B 170 -1.92 9.24 16.87
N ALA B 171 -2.54 8.31 17.59
CA ALA B 171 -1.99 7.78 18.84
C ALA B 171 -0.63 7.10 18.61
N MSE B 172 -0.48 6.47 17.46
CA MSE B 172 0.77 5.79 17.13
C MSE B 172 1.95 6.76 17.14
O MSE B 172 3.07 6.37 17.44
CB MSE B 172 0.67 5.15 15.75
CG MSE B 172 -0.10 3.86 15.74
SE MSE B 172 -0.39 3.27 13.91
CE MSE B 172 1.37 3.68 13.17
N ARG B 173 1.68 8.02 16.80
CA ARG B 173 2.73 9.02 16.73
C ARG B 173 2.67 9.99 17.91
N GLY B 174 2.10 9.52 19.02
CA GLY B 174 2.11 10.25 20.27
C GLY B 174 1.20 11.46 20.30
N LEU B 175 0.22 11.49 19.42
CA LEU B 175 -0.77 12.56 19.38
C LEU B 175 -2.16 12.03 19.63
N GLN B 176 -2.89 12.67 20.55
CA GLN B 176 -4.27 12.26 20.82
C GLN B 176 -5.24 13.08 19.99
N LEU B 177 -6.19 12.40 19.37
CA LEU B 177 -7.23 13.07 18.58
C LEU B 177 -8.57 12.96 19.29
N PRO B 178 -8.97 14.02 20.00
CA PRO B 178 -10.27 14.04 20.68
C PRO B 178 -11.38 13.57 19.75
N GLU B 179 -12.25 12.68 20.24
CA GLU B 179 -13.28 12.10 19.41
C GLU B 179 -14.12 13.17 18.68
N ASP B 180 -14.32 14.32 19.31
CA ASP B 180 -15.15 15.36 18.75
C ASP B 180 -14.42 16.14 17.65
N VAL B 181 -13.11 16.29 17.81
CA VAL B 181 -12.30 16.97 16.81
C VAL B 181 -12.21 16.15 15.53
N GLY B 182 -12.04 14.84 15.68
CA GLY B 182 -11.94 13.95 14.54
C GLY B 182 -13.21 13.93 13.72
N ARG B 183 -14.34 14.18 14.37
CA ARG B 183 -15.63 14.20 13.68
C ARG B 183 -15.80 15.51 12.91
N PHE B 184 -15.27 16.60 13.47
CA PHE B 184 -15.24 17.86 12.75
C PHE B 184 -14.47 17.66 11.46
N LEU B 185 -13.41 16.87 11.53
CA LEU B 185 -12.58 16.59 10.37
C LEU B 185 -13.37 15.85 9.30
N LEU B 186 -14.17 14.88 9.70
CA LEU B 186 -14.92 14.07 8.76
C LEU B 186 -16.04 14.87 8.07
N ASN B 187 -16.30 16.07 8.56
CA ASN B 187 -17.33 16.91 7.97
C ASN B 187 -16.76 18.07 7.14
N ARG B 188 -15.46 18.00 6.86
CA ARG B 188 -14.80 19.02 6.06
C ARG B 188 -13.94 18.42 4.96
N MSE B 189 -13.26 17.31 5.27
CA MSE B 189 -12.38 16.65 4.31
C MSE B 189 -13.20 15.80 3.35
O MSE B 189 -14.40 15.63 3.53
CB MSE B 189 -11.38 15.75 5.03
CG MSE B 189 -10.77 16.35 6.29
SE MSE B 189 -9.97 18.11 5.98
CE MSE B 189 -10.09 18.80 7.79
N ALA B 190 -12.54 15.27 2.33
CA ALA B 190 -13.20 14.43 1.35
C ALA B 190 -13.62 13.10 1.98
N ARG B 191 -13.04 12.77 3.13
CA ARG B 191 -13.37 11.56 3.88
C ARG B 191 -12.59 10.33 3.42
N ASP B 192 -12.03 10.38 2.21
CA ASP B 192 -11.17 9.29 1.76
C ASP B 192 -9.89 9.31 2.60
N LEU B 193 -9.30 8.13 2.82
CA LEU B 193 -8.20 8.00 3.77
C LEU B 193 -6.92 8.70 3.32
N ARG B 194 -6.77 8.94 2.03
CA ARG B 194 -5.59 9.66 1.55
C ARG B 194 -5.59 11.09 2.07
N THR B 195 -6.73 11.76 1.99
CA THR B 195 -6.83 13.15 2.43
C THR B 195 -6.92 13.26 3.96
N LEU B 196 -7.60 12.31 4.59
CA LEU B 196 -7.73 12.32 6.04
C LEU B 196 -6.39 12.08 6.72
N PHE B 197 -5.78 10.93 6.44
CA PHE B 197 -4.46 10.59 6.96
C PHE B 197 -3.43 11.70 6.70
N ASP B 198 -3.54 12.33 5.54
CA ASP B 198 -2.61 13.40 5.18
C ASP B 198 -2.81 14.62 6.06
N VAL B 199 -4.07 15.01 6.25
CA VAL B 199 -4.41 16.16 7.07
C VAL B 199 -4.02 15.94 8.53
N LEU B 200 -4.00 14.68 8.94
CA LEU B 200 -3.56 14.33 10.29
C LEU B 200 -2.10 14.71 10.46
N ASP B 201 -1.29 14.31 9.48
CA ASP B 201 0.13 14.63 9.46
C ASP B 201 0.34 16.13 9.56
N ARG B 202 -0.52 16.88 8.88
CA ARG B 202 -0.42 18.34 8.86
C ARG B 202 -0.73 18.94 10.22
N LEU B 203 -1.77 18.42 10.87
CA LEU B 203 -2.23 18.94 12.15
C LEU B 203 -1.30 18.51 13.29
N ASP B 204 -0.53 17.45 13.05
CA ASP B 204 0.41 16.95 14.06
C ASP B 204 1.67 17.79 14.04
N LYS B 205 2.10 18.18 12.85
CA LYS B 205 3.25 19.07 12.70
C LYS B 205 2.87 20.46 13.16
N ALA B 206 1.59 20.80 13.00
CA ALA B 206 1.08 22.08 13.47
C ALA B 206 1.02 22.06 15.00
N SER B 207 0.73 20.89 15.55
CA SER B 207 0.60 20.73 16.99
C SER B 207 1.93 20.93 17.70
N MSE B 208 2.98 20.34 17.14
CA MSE B 208 4.32 20.45 17.73
C MSE B 208 4.89 21.85 17.58
O MSE B 208 5.56 22.36 18.47
CB MSE B 208 5.26 19.43 17.09
CG MSE B 208 5.00 18.00 17.49
SE MSE B 208 5.76 16.71 16.25
CE MSE B 208 7.62 16.74 16.83
N VAL B 209 4.62 22.48 16.43
CA VAL B 209 5.10 23.84 16.17
C VAL B 209 4.56 24.83 17.19
N HIS B 210 3.29 24.65 17.57
CA HIS B 210 2.66 25.56 18.53
C HIS B 210 2.54 24.93 19.91
N GLN B 211 3.04 23.71 20.05
CA GLN B 211 2.94 22.97 21.30
C GLN B 211 1.53 23.10 21.88
N ARG B 212 0.53 22.95 21.02
CA ARG B 212 -0.87 23.03 21.43
C ARG B 212 -1.60 21.73 21.13
N LYS B 213 -2.44 21.31 22.07
CA LYS B 213 -3.23 20.09 21.90
C LYS B 213 -4.26 20.30 20.80
N LEU B 214 -4.65 19.22 20.13
CA LEU B 214 -5.62 19.31 19.06
C LEU B 214 -7.02 19.64 19.60
N THR B 215 -7.56 20.76 19.14
CA THR B 215 -8.93 21.16 19.47
C THR B 215 -9.60 21.69 18.20
N ILE B 216 -10.92 21.87 18.25
CA ILE B 216 -11.66 22.30 17.07
C ILE B 216 -11.31 23.74 16.65
N PRO B 217 -11.17 24.64 17.63
CA PRO B 217 -10.74 26.01 17.30
C PRO B 217 -9.36 26.03 16.66
N PHE B 218 -8.44 25.23 17.20
CA PHE B 218 -7.07 25.16 16.71
C PHE B 218 -7.00 24.56 15.31
N VAL B 219 -7.80 23.52 15.08
CA VAL B 219 -7.83 22.87 13.78
C VAL B 219 -8.38 23.81 12.72
N LYS B 220 -9.40 24.57 13.08
CA LYS B 220 -9.97 25.58 12.19
C LYS B 220 -8.90 26.57 11.76
N GLU B 221 -8.14 27.06 12.74
CA GLU B 221 -7.11 28.05 12.48
C GLU B 221 -6.01 27.52 11.57
N MSE B 222 -5.69 26.23 11.72
CA MSE B 222 -4.60 25.61 10.98
C MSE B 222 -5.01 25.22 9.56
O MSE B 222 -4.19 25.23 8.65
CB MSE B 222 -4.12 24.35 11.71
CG MSE B 222 -3.41 24.61 13.03
SE MSE B 222 -1.90 25.83 12.86
CE MSE B 222 -2.82 27.50 13.25
N LEU B 223 -6.28 24.89 9.39
CA LEU B 223 -6.79 24.43 8.10
C LEU B 223 -7.61 25.51 7.40
N ARG B 224 -7.52 26.74 7.92
CA ARG B 224 -8.24 27.87 7.33
C ARG B 224 -9.69 27.52 7.08
N LEU B 225 -10.44 27.29 8.17
CA LEU B 225 -11.85 26.95 8.08
C LEU B 225 -12.67 27.89 8.96
S SO4 C . 11.19 7.10 2.81
O1 SO4 C . 10.44 5.88 3.10
O2 SO4 C . 11.36 7.87 4.03
O3 SO4 C . 12.50 6.75 2.26
O4 SO4 C . 10.45 7.90 1.82
S SO4 D . 28.46 3.74 9.29
O1 SO4 D . 28.79 2.84 10.40
O2 SO4 D . 28.25 5.09 9.80
O3 SO4 D . 29.57 3.77 8.33
O4 SO4 D . 27.25 3.26 8.62
S SO4 E . -12.00 -1.49 -5.57
O1 SO4 E . -11.50 -0.13 -5.50
O2 SO4 E . -12.40 -1.79 -6.95
O3 SO4 E . -10.94 -2.41 -5.15
O4 SO4 E . -13.15 -1.65 -4.70
S SO4 F . -28.05 -12.29 -5.18
O1 SO4 F . -28.16 -11.03 -4.43
O2 SO4 F . -29.27 -13.06 -5.02
O3 SO4 F . -27.86 -11.98 -6.60
O4 SO4 F . -26.90 -13.05 -4.69
S SO4 G . -20.40 -2.06 -26.10
O1 SO4 G . -20.57 -0.72 -25.55
O2 SO4 G . -21.42 -2.30 -27.11
O3 SO4 G . -19.08 -2.16 -26.71
O4 SO4 G . -20.53 -3.05 -25.04
#